data_1KRM
#
_entry.id   1KRM
#
_cell.length_a   80.03
_cell.length_b   80.03
_cell.length_c   141.68
_cell.angle_alpha   90
_cell.angle_beta   90
_cell.angle_gamma   90
#
_symmetry.space_group_name_H-M   'P 43 21 2'
#
loop_
_entity.id
_entity.type
_entity.pdbx_description
1 polymer 'adenosine deaminase'
2 non-polymer 'ZINC ION'
3 non-polymer '6-HYDROXY-1,6-DIHYDRO PURINE NUCLEOSIDE'
4 water water
#
_entity_poly.entity_id   1
_entity_poly.type   'polypeptide(L)'
_entity_poly.pdbx_seq_one_letter_code
;AQTPAFDKPKVELHVHLDGAIKPETILYYGKRRGIALPADTPEELLNIIGMDKPLTLPDFLAKFDYYMPAIAGCRDAIKR
IAYEFVEMKAKDGVVYVEVRYSPHLLANSKVEPIPWNQAEGDLTPDEVVSLVNQGLQEGERDFGVKVRSILCCMRHQPSW
SSEVVELCKKYREQTVVAIDLAGDETIEGSSLFPGHVQAYAEAVKSGVHRTVHAGEVGSANVVKEAVDTLKTERLGHGYH
TLEDTTLYNRLRQENMHFEICPWSSYLTGAWKPDTEHAVIRFKNDQVNYSLNTDDPLIFKSTLDTDYQMTKKDMGFTEEE
FKRLNINAAKSSFLPEDEKKELLDLLYKAYRMPSPA
;
_entity_poly.pdbx_strand_id   A
#
loop_
_chem_comp.id
_chem_comp.type
_chem_comp.name
_chem_comp.formula
PRH non-polymer '6-HYDROXY-1,6-DIHYDRO PURINE NUCLEOSIDE' 'C10 H15 N4 O5 1'
ZN non-polymer 'ZINC ION' 'Zn 2'
#
# COMPACT_ATOMS: atom_id res chain seq x y z
N THR A 3 5.39 3.67 24.53
CA THR A 3 6.57 2.73 24.61
C THR A 3 7.05 2.33 23.18
N PRO A 4 8.15 1.54 22.90
CA PRO A 4 8.87 1.89 21.68
C PRO A 4 8.12 1.89 20.35
N ALA A 5 7.35 0.80 20.09
CA ALA A 5 7.43 -0.57 20.70
C ALA A 5 8.26 -1.60 19.95
N PHE A 6 8.56 -1.25 18.68
CA PHE A 6 9.79 -1.79 18.09
C PHE A 6 10.75 -0.72 17.63
N ASP A 7 11.99 -0.84 18.13
CA ASP A 7 12.95 0.29 18.01
C ASP A 7 14.25 0.10 17.23
N LYS A 8 14.20 -0.96 16.43
CA LYS A 8 15.38 -1.17 15.56
C LYS A 8 14.98 -0.83 14.12
N PRO A 9 15.88 -0.87 13.19
CA PRO A 9 15.47 -0.22 11.94
C PRO A 9 14.51 -0.88 10.93
N LYS A 10 13.19 -1.07 11.25
CA LYS A 10 12.12 -1.54 10.30
C LYS A 10 12.15 -1.47 8.77
N VAL A 11 11.34 -2.40 8.25
CA VAL A 11 10.92 -2.52 6.84
C VAL A 11 9.41 -2.45 6.63
N GLU A 12 9.04 -1.79 5.54
CA GLU A 12 7.60 -1.71 5.33
C GLU A 12 7.18 -1.86 3.87
N LEU A 13 6.16 -2.72 3.63
CA LEU A 13 5.85 -2.93 2.20
C LEU A 13 4.53 -2.45 1.60
N HIS A 14 3.56 -2.41 2.52
CA HIS A 14 2.21 -1.99 2.10
C HIS A 14 1.77 -0.62 2.57
N VAL A 15 1.95 0.37 1.68
CA VAL A 15 1.32 1.63 2.05
C VAL A 15 0.79 2.45 0.89
N HIS A 16 -0.22 3.27 1.15
CA HIS A 16 -0.61 4.01 -0.03
C HIS A 16 -0.35 5.52 0.06
N LEU A 17 0.54 6.05 -0.80
CA LEU A 17 0.55 7.53 -0.99
C LEU A 17 -0.76 8.36 -0.81
N ASP A 18 -1.66 8.09 -1.74
CA ASP A 18 -3.10 8.31 -1.55
C ASP A 18 -3.60 8.69 -0.18
N GLY A 19 -3.34 7.78 0.77
CA GLY A 19 -3.66 7.86 2.21
C GLY A 19 -2.44 7.70 3.15
N ALA A 20 -1.39 8.41 2.73
CA ALA A 20 -0.25 8.87 3.57
C ALA A 20 0.03 10.36 3.53
N ILE A 21 -1.00 11.09 3.05
CA ILE A 21 -1.05 12.54 3.21
C ILE A 21 -1.41 13.00 4.65
N LYS A 22 -0.77 14.13 5.11
CA LYS A 22 -1.13 14.97 6.29
C LYS A 22 -2.27 16.01 6.13
N PRO A 23 -3.08 16.22 7.21
CA PRO A 23 -4.24 17.11 7.02
C PRO A 23 -3.95 18.48 6.38
N GLU A 24 -2.95 19.13 6.94
CA GLU A 24 -2.23 20.23 6.27
C GLU A 24 -2.01 20.22 4.72
N THR A 25 -1.41 19.18 4.07
CA THR A 25 -1.28 19.48 2.63
C THR A 25 -2.54 19.41 1.82
N ILE A 26 -3.40 18.45 2.30
CA ILE A 26 -4.80 18.66 1.88
C ILE A 26 -5.23 20.14 1.96
N LEU A 27 -5.46 20.56 3.23
CA LEU A 27 -5.82 21.93 3.68
C LEU A 27 -5.31 23.10 2.92
N TYR A 28 -4.00 23.12 2.77
CA TYR A 28 -3.37 24.01 1.79
C TYR A 28 -4.14 24.07 0.47
N TYR A 29 -3.96 22.98 -0.26
CA TYR A 29 -4.49 23.02 -1.61
C TYR A 29 -5.98 23.20 -1.80
N GLY A 30 -6.73 22.69 -0.83
CA GLY A 30 -8.17 23.02 -0.87
C GLY A 30 -8.46 24.51 -0.95
N LYS A 31 -7.85 25.16 0.05
CA LYS A 31 -7.68 26.61 0.06
C LYS A 31 -6.37 27.10 -0.52
N ARG A 32 -6.20 26.75 -1.77
CA ARG A 32 -5.11 27.44 -2.50
C ARG A 32 -5.33 27.53 -3.99
N ARG A 33 -5.68 26.38 -4.61
CA ARG A 33 -6.30 26.52 -5.95
C ARG A 33 -7.82 26.43 -5.91
N GLY A 34 -8.27 26.34 -4.66
CA GLY A 34 -9.62 26.87 -4.45
C GLY A 34 -10.58 25.84 -3.97
N ILE A 35 -10.21 24.60 -4.36
CA ILE A 35 -11.00 23.36 -4.23
C ILE A 35 -11.87 23.18 -2.97
N ALA A 36 -13.05 23.76 -3.01
CA ALA A 36 -13.89 23.58 -1.82
C ALA A 36 -13.94 22.21 -1.18
N LEU A 37 -13.31 22.31 -0.02
CA LEU A 37 -12.94 21.15 0.79
C LEU A 37 -14.06 20.70 1.76
N PRO A 38 -13.90 19.61 2.57
CA PRO A 38 -15.01 19.29 3.45
C PRO A 38 -14.88 19.83 4.88
N ALA A 39 -13.86 20.68 5.13
CA ALA A 39 -13.73 21.07 6.56
C ALA A 39 -12.79 22.24 6.73
N ASP A 40 -12.34 22.50 8.01
CA ASP A 40 -11.35 23.60 8.29
C ASP A 40 -10.22 23.50 9.30
N THR A 41 -10.61 23.38 10.58
CA THR A 41 -9.64 23.15 11.68
C THR A 41 -8.83 21.98 11.34
N PRO A 42 -7.50 21.92 11.46
CA PRO A 42 -6.86 20.73 10.88
C PRO A 42 -7.24 19.44 11.61
N GLU A 43 -7.70 19.63 12.85
CA GLU A 43 -8.30 18.38 13.30
C GLU A 43 -9.62 17.91 12.72
N GLU A 44 -10.56 18.88 12.60
CA GLU A 44 -11.82 18.49 11.90
C GLU A 44 -11.55 17.83 10.57
N LEU A 45 -10.65 18.44 9.77
CA LEU A 45 -10.34 17.63 8.57
C LEU A 45 -10.07 16.14 8.80
N LEU A 46 -8.98 15.84 9.54
CA LEU A 46 -8.93 14.53 10.21
C LEU A 46 -10.26 13.89 10.64
N ASN A 47 -11.06 14.65 11.38
CA ASN A 47 -12.26 13.96 11.91
C ASN A 47 -13.47 13.67 10.99
N ILE A 48 -13.38 14.20 9.77
CA ILE A 48 -14.16 13.66 8.65
C ILE A 48 -13.43 12.56 7.86
N ILE A 49 -12.23 12.95 7.36
CA ILE A 49 -11.41 11.97 6.65
C ILE A 49 -11.20 10.66 7.40
N GLY A 50 -10.48 10.72 8.49
CA GLY A 50 -10.37 9.40 9.15
C GLY A 50 -11.59 8.76 9.88
N MET A 51 -11.27 7.55 10.43
CA MET A 51 -12.27 6.62 11.04
C MET A 51 -12.01 6.19 12.46
N ASP A 52 -13.02 6.21 13.33
CA ASP A 52 -12.76 5.09 14.25
C ASP A 52 -13.65 3.81 14.44
N LYS A 53 -14.99 3.93 14.32
CA LYS A 53 -15.65 2.60 14.39
C LYS A 53 -15.41 1.74 13.13
N PRO A 54 -15.11 0.43 13.27
CA PRO A 54 -15.00 -0.41 12.07
C PRO A 54 -16.10 -0.24 11.07
N LEU A 55 -15.64 0.24 9.95
CA LEU A 55 -16.67 0.31 8.94
C LEU A 55 -16.60 -0.87 7.95
N THR A 56 -16.89 -0.61 6.67
CA THR A 56 -16.76 -1.69 5.68
C THR A 56 -15.87 -1.26 4.57
N LEU A 57 -15.19 -2.24 4.05
CA LEU A 57 -14.31 -1.87 2.94
C LEU A 57 -14.87 -0.92 1.90
N PRO A 58 -16.12 -1.19 1.41
CA PRO A 58 -16.65 -0.18 0.49
C PRO A 58 -16.56 1.21 1.09
N ASP A 59 -17.10 1.35 2.30
CA ASP A 59 -17.11 2.66 2.94
C ASP A 59 -15.73 3.33 3.04
N PHE A 60 -14.78 2.57 3.64
CA PHE A 60 -13.35 3.00 3.62
C PHE A 60 -12.97 3.82 2.38
N LEU A 61 -13.28 3.15 1.25
CA LEU A 61 -12.90 3.53 -0.12
C LEU A 61 -13.48 4.77 -0.76
N ALA A 62 -14.50 5.32 -0.07
CA ALA A 62 -15.10 6.61 -0.49
C ALA A 62 -14.94 7.72 0.53
N LYS A 63 -14.39 7.32 1.70
CA LYS A 63 -13.77 8.38 2.51
C LYS A 63 -12.87 9.29 1.67
N PHE A 64 -11.95 8.61 0.95
CA PHE A 64 -11.20 9.16 -0.18
C PHE A 64 -11.83 10.19 -1.07
N ASP A 65 -13.14 10.17 -1.15
CA ASP A 65 -13.71 11.15 -2.10
C ASP A 65 -13.86 12.53 -1.51
N TYR A 66 -13.96 12.47 -0.18
CA TYR A 66 -13.68 13.66 0.67
C TYR A 66 -12.48 14.57 0.38
N TYR A 67 -11.32 13.98 0.03
CA TYR A 67 -10.15 14.87 0.03
C TYR A 67 -9.34 14.97 -1.25
N MET A 68 -9.05 13.81 -1.82
CA MET A 68 -8.53 13.81 -3.20
C MET A 68 -8.79 14.99 -4.16
N PRO A 69 -10.04 15.50 -4.32
CA PRO A 69 -10.18 16.63 -5.24
C PRO A 69 -9.09 17.76 -5.07
N ALA A 70 -9.02 18.24 -3.80
CA ALA A 70 -7.84 18.98 -3.27
C ALA A 70 -6.47 18.84 -3.95
N ILE A 71 -6.07 17.56 -4.04
CA ILE A 71 -4.74 17.21 -4.51
C ILE A 71 -4.75 16.86 -5.95
N ALA A 72 -5.91 16.45 -6.43
CA ALA A 72 -5.72 15.94 -7.79
C ALA A 72 -5.42 17.02 -8.83
N GLY A 73 -4.16 16.95 -9.30
CA GLY A 73 -3.68 17.73 -10.48
C GLY A 73 -4.24 19.11 -10.51
N CYS A 74 -3.75 19.85 -9.50
CA CYS A 74 -2.35 20.24 -9.21
C CYS A 74 -1.01 19.56 -9.30
N ARG A 75 -0.32 19.82 -10.43
CA ARG A 75 1.07 19.34 -10.63
C ARG A 75 2.00 19.45 -9.41
N ASP A 76 2.05 20.66 -8.90
CA ASP A 76 2.57 20.96 -7.55
C ASP A 76 2.49 19.85 -6.50
N ALA A 77 1.23 19.50 -6.27
CA ALA A 77 1.09 18.70 -5.08
C ALA A 77 1.69 17.36 -5.22
N ILE A 78 1.78 16.93 -6.48
CA ILE A 78 2.21 15.51 -6.61
C ILE A 78 3.59 15.27 -5.95
N LYS A 79 4.44 16.27 -6.26
CA LYS A 79 5.84 16.12 -5.79
C LYS A 79 5.96 16.54 -4.36
N ARG A 80 5.07 17.47 -3.98
CA ARG A 80 5.15 17.78 -2.53
C ARG A 80 4.64 16.67 -1.57
N ILE A 81 3.51 16.01 -1.94
CA ILE A 81 3.00 14.96 -1.04
C ILE A 81 3.71 13.65 -1.15
N ALA A 82 4.45 13.56 -2.25
CA ALA A 82 5.49 12.54 -2.35
C ALA A 82 6.73 12.75 -1.46
N TYR A 83 7.34 13.99 -1.54
CA TYR A 83 8.21 14.56 -0.48
C TYR A 83 7.74 14.39 0.98
N GLU A 84 6.74 15.14 1.45
CA GLU A 84 6.27 14.84 2.83
C GLU A 84 5.96 13.39 3.22
N PHE A 85 5.62 12.54 2.23
CA PHE A 85 5.49 11.11 2.57
C PHE A 85 6.79 10.41 2.87
N VAL A 86 7.82 10.63 2.04
CA VAL A 86 9.09 10.08 2.53
C VAL A 86 9.41 10.58 3.89
N GLU A 87 9.10 11.85 4.15
CA GLU A 87 9.23 12.31 5.56
C GLU A 87 8.76 11.34 6.64
N MET A 88 7.40 11.19 6.70
CA MET A 88 6.86 10.23 7.67
C MET A 88 7.51 8.85 7.74
N LYS A 89 8.03 8.46 6.59
CA LYS A 89 8.61 7.15 6.65
C LYS A 89 9.93 6.94 7.35
N ALA A 90 10.76 8.03 7.35
CA ALA A 90 11.93 8.17 8.31
C ALA A 90 11.67 8.65 9.73
N LYS A 91 10.51 9.28 9.91
CA LYS A 91 10.13 9.48 11.30
C LYS A 91 9.64 8.23 12.02
N ASP A 92 8.48 7.61 11.65
CA ASP A 92 8.42 6.28 12.29
C ASP A 92 9.42 5.34 11.61
N GLY A 93 9.78 4.22 12.28
CA GLY A 93 11.12 3.64 12.14
C GLY A 93 11.77 3.10 10.84
N VAL A 94 11.46 3.69 9.69
CA VAL A 94 11.89 2.87 8.57
C VAL A 94 13.15 3.21 7.70
N VAL A 95 14.10 2.25 7.56
CA VAL A 95 15.18 2.20 6.51
C VAL A 95 14.76 2.03 5.01
N TYR A 96 13.60 1.30 4.81
CA TYR A 96 13.25 0.87 3.44
C TYR A 96 11.78 0.84 3.07
N VAL A 97 11.29 1.75 2.22
CA VAL A 97 9.85 1.52 1.90
C VAL A 97 9.32 1.27 0.46
N GLU A 98 8.37 0.34 0.33
CA GLU A 98 7.72 0.43 -0.98
C GLU A 98 6.42 1.19 -0.96
N VAL A 99 6.39 2.30 -1.66
CA VAL A 99 5.06 2.92 -1.62
C VAL A 99 4.24 2.47 -2.79
N ARG A 100 2.91 2.31 -2.61
CA ARG A 100 2.05 2.24 -3.79
C ARG A 100 1.15 3.41 -4.02
N TYR A 101 0.80 3.54 -5.30
CA TYR A 101 -0.21 4.54 -5.68
C TYR A 101 -0.93 4.32 -7.02
N SER A 102 -1.86 5.22 -7.29
CA SER A 102 -2.62 5.03 -8.53
C SER A 102 -2.65 6.19 -9.52
N PRO A 103 -1.71 6.25 -10.48
CA PRO A 103 -1.69 7.35 -11.48
C PRO A 103 -3.05 7.85 -11.91
N HIS A 104 -3.85 6.83 -12.22
CA HIS A 104 -5.24 7.12 -12.53
C HIS A 104 -6.05 8.02 -11.56
N LEU A 105 -5.94 7.74 -10.27
CA LEU A 105 -6.56 8.79 -9.42
C LEU A 105 -6.01 10.27 -9.46
N LEU A 106 -4.80 10.35 -10.01
CA LEU A 106 -3.99 11.55 -9.84
C LEU A 106 -3.92 12.54 -10.98
N ALA A 107 -5.13 12.80 -11.49
CA ALA A 107 -5.35 13.53 -12.78
C ALA A 107 -6.86 13.86 -13.10
N ASN A 108 -7.31 14.53 -14.15
CA ASN A 108 -6.72 15.54 -15.01
C ASN A 108 -6.76 15.36 -16.49
N SER A 109 -5.73 14.86 -17.12
CA SER A 109 -5.95 14.68 -18.58
C SER A 109 -5.94 13.22 -18.92
N LYS A 110 -6.40 12.83 -20.13
CA LYS A 110 -6.56 11.44 -20.66
C LYS A 110 -7.66 10.66 -20.01
N VAL A 111 -7.32 9.61 -19.24
CA VAL A 111 -8.31 9.26 -18.24
C VAL A 111 -9.85 9.35 -18.53
N GLU A 112 -10.30 8.53 -19.49
CA GLU A 112 -11.73 8.79 -19.87
C GLU A 112 -12.89 8.63 -18.89
N PRO A 113 -12.59 8.04 -17.72
CA PRO A 113 -13.46 8.27 -16.56
C PRO A 113 -13.12 9.34 -15.51
N ILE A 114 -12.29 10.34 -15.92
CA ILE A 114 -11.92 11.58 -15.14
C ILE A 114 -12.35 11.83 -13.63
N PRO A 115 -11.40 11.67 -12.70
CA PRO A 115 -11.92 11.36 -11.35
C PRO A 115 -12.46 12.47 -10.38
N TRP A 116 -13.30 12.05 -9.37
CA TRP A 116 -13.75 12.81 -8.15
C TRP A 116 -15.09 13.55 -7.99
N ASN A 117 -15.64 14.20 -9.00
CA ASN A 117 -15.14 14.29 -10.38
C ASN A 117 -14.59 15.71 -10.76
N GLN A 118 -13.60 15.74 -11.65
CA GLN A 118 -12.78 16.96 -11.71
C GLN A 118 -12.50 17.46 -13.17
N ALA A 119 -11.45 18.27 -13.43
CA ALA A 119 -11.48 18.72 -14.82
C ALA A 119 -10.28 18.98 -15.71
N GLU A 120 -10.61 18.89 -17.01
CA GLU A 120 -9.57 18.89 -18.06
C GLU A 120 -8.68 20.10 -18.00
N GLY A 121 -7.33 20.09 -18.07
CA GLY A 121 -6.38 18.99 -18.06
C GLY A 121 -4.91 19.18 -18.61
N ASP A 122 -4.03 19.75 -17.83
CA ASP A 122 -2.74 19.33 -18.37
C ASP A 122 -2.38 17.83 -18.23
N LEU A 123 -2.63 17.31 -16.96
CA LEU A 123 -1.93 16.12 -16.31
C LEU A 123 -2.12 14.64 -16.71
N THR A 124 -0.95 14.08 -17.09
CA THR A 124 -0.92 12.69 -17.50
C THR A 124 -0.29 11.66 -16.59
N PRO A 125 -0.84 10.43 -16.61
CA PRO A 125 -0.10 9.27 -16.14
C PRO A 125 1.40 9.33 -16.39
N ASP A 126 1.70 9.68 -17.65
CA ASP A 126 3.16 9.66 -17.90
C ASP A 126 3.98 10.60 -17.00
N GLU A 127 3.43 11.83 -16.71
CA GLU A 127 3.95 12.84 -15.71
C GLU A 127 3.65 12.65 -14.19
N VAL A 128 2.39 12.47 -13.80
CA VAL A 128 2.13 12.12 -12.39
C VAL A 128 2.93 10.96 -11.74
N VAL A 129 3.54 10.17 -12.61
CA VAL A 129 4.64 9.40 -12.04
C VAL A 129 5.91 10.27 -11.94
N SER A 130 6.41 10.74 -13.11
CA SER A 130 7.73 11.40 -12.94
C SER A 130 7.93 12.60 -12.00
N LEU A 131 6.80 13.24 -11.64
CA LEU A 131 6.74 13.75 -10.25
C LEU A 131 7.12 12.78 -9.15
N VAL A 132 6.17 12.00 -8.62
CA VAL A 132 6.63 11.08 -7.55
C VAL A 132 8.09 10.54 -7.56
N ASN A 133 8.54 10.02 -8.73
CA ASN A 133 9.92 9.56 -8.62
C ASN A 133 10.87 10.65 -8.13
N GLN A 134 10.80 11.83 -8.77
CA GLN A 134 11.54 12.86 -7.99
C GLN A 134 11.14 13.05 -6.49
N GLY A 135 9.86 13.24 -6.24
CA GLY A 135 9.51 13.36 -4.78
C GLY A 135 9.88 12.26 -3.72
N LEU A 136 10.25 11.11 -4.26
CA LEU A 136 10.70 10.02 -3.43
C LEU A 136 12.19 9.85 -3.63
N GLN A 137 12.65 10.50 -4.69
CA GLN A 137 14.08 10.58 -4.82
C GLN A 137 14.70 11.64 -4.01
N GLU A 138 14.16 12.86 -4.19
CA GLU A 138 14.37 13.90 -3.14
C GLU A 138 14.21 13.38 -1.69
N GLY A 139 12.96 13.09 -1.31
CA GLY A 139 12.76 12.62 0.06
C GLY A 139 13.74 11.58 0.60
N GLU A 140 14.02 10.63 -0.27
CA GLU A 140 15.24 9.84 -0.02
C GLU A 140 16.52 10.56 0.30
N ARG A 141 16.88 11.39 -0.66
CA ARG A 141 18.02 12.28 -0.53
C ARG A 141 18.14 12.96 0.84
N ASP A 142 16.95 13.39 1.28
CA ASP A 142 16.95 14.20 2.51
C ASP A 142 16.32 13.53 3.76
N PHE A 143 16.20 12.19 3.72
CA PHE A 143 15.77 11.62 5.01
C PHE A 143 16.40 10.33 5.47
N GLY A 144 17.23 9.77 4.62
CA GLY A 144 17.84 8.53 5.14
C GLY A 144 17.11 7.23 4.86
N VAL A 145 16.15 7.33 3.95
CA VAL A 145 15.29 6.19 3.74
C VAL A 145 15.08 5.79 2.26
N LYS A 146 15.31 4.53 1.86
CA LYS A 146 15.21 4.41 0.40
C LYS A 146 13.88 4.04 -0.14
N VAL A 147 13.33 4.91 -0.99
CA VAL A 147 12.00 4.64 -1.51
C VAL A 147 11.82 3.99 -2.89
N ARG A 148 11.27 2.79 -2.86
CA ARG A 148 10.81 2.41 -4.19
C ARG A 148 9.29 2.36 -4.29
N SER A 149 8.77 2.71 -5.45
CA SER A 149 7.32 2.69 -5.52
C SER A 149 6.79 1.50 -6.28
N ILE A 150 5.46 1.29 -6.12
CA ILE A 150 4.55 0.29 -6.68
C ILE A 150 3.39 1.00 -7.33
N LEU A 151 3.12 0.67 -8.62
CA LEU A 151 2.02 1.30 -9.38
C LEU A 151 0.76 0.45 -9.49
N CYS A 152 -0.34 1.06 -9.17
CA CYS A 152 -1.47 0.18 -8.86
C CYS A 152 -2.49 0.15 -9.91
N CYS A 153 -2.61 -0.98 -10.62
CA CYS A 153 -3.94 -1.15 -11.26
C CYS A 153 -5.06 -1.04 -10.30
N MET A 154 -6.23 -0.84 -10.84
CA MET A 154 -7.25 -0.50 -9.87
C MET A 154 -8.54 -1.26 -10.18
N ARG A 155 -9.03 -2.14 -9.25
CA ARG A 155 -10.12 -3.06 -9.63
C ARG A 155 -11.25 -2.53 -10.47
N HIS A 156 -11.76 -1.38 -10.06
CA HIS A 156 -12.96 -1.04 -10.83
C HIS A 156 -12.85 -0.53 -12.23
N GLN A 157 -11.62 -0.22 -12.64
CA GLN A 157 -11.39 0.27 -14.00
C GLN A 157 -10.40 -0.57 -14.78
N PRO A 158 -10.87 -1.54 -15.54
CA PRO A 158 -9.84 -2.31 -16.21
C PRO A 158 -9.21 -1.54 -17.34
N SER A 159 -10.00 -0.62 -17.87
CA SER A 159 -9.47 0.07 -19.03
C SER A 159 -8.06 0.61 -18.92
N TRP A 160 -7.80 1.15 -17.69
CA TRP A 160 -6.49 1.74 -17.21
C TRP A 160 -5.32 0.81 -16.88
N SER A 161 -5.64 -0.40 -16.38
CA SER A 161 -4.64 -1.45 -16.01
C SER A 161 -3.55 -1.75 -17.02
N SER A 162 -4.02 -2.04 -18.22
CA SER A 162 -3.09 -1.95 -19.38
C SER A 162 -1.91 -0.96 -19.32
N GLU A 163 -2.32 0.31 -19.02
CA GLU A 163 -1.40 1.46 -18.83
C GLU A 163 -0.34 1.24 -17.78
N VAL A 164 -0.79 1.03 -16.56
CA VAL A 164 0.23 0.75 -15.52
C VAL A 164 1.38 -0.20 -15.79
N VAL A 165 1.16 -1.12 -16.67
CA VAL A 165 2.33 -1.97 -16.94
C VAL A 165 3.33 -1.23 -17.79
N GLU A 166 2.78 -0.43 -18.69
CA GLU A 166 3.77 0.37 -19.41
C GLU A 166 4.51 1.39 -18.56
N LEU A 167 3.73 2.12 -17.76
CA LEU A 167 4.35 2.81 -16.61
C LEU A 167 5.37 1.95 -15.89
N CYS A 168 4.98 0.95 -15.12
CA CYS A 168 6.09 0.25 -14.46
C CYS A 168 7.32 -0.09 -15.27
N LYS A 169 7.08 -0.68 -16.48
CA LYS A 169 8.24 -1.18 -17.25
C LYS A 169 9.29 -0.12 -17.46
N LYS A 170 8.71 1.02 -17.77
CA LYS A 170 9.67 2.02 -18.18
C LYS A 170 10.11 3.04 -17.12
N TYR A 171 9.31 3.15 -16.08
CA TYR A 171 9.99 3.70 -14.94
C TYR A 171 10.69 2.68 -14.06
N ARG A 172 11.21 1.65 -14.71
CA ARG A 172 11.63 0.58 -13.79
C ARG A 172 13.04 0.62 -13.17
N GLU A 173 12.99 0.85 -11.81
CA GLU A 173 13.93 1.48 -10.82
C GLU A 173 14.09 2.98 -10.56
N GLN A 174 13.94 3.80 -11.60
CA GLN A 174 13.70 5.21 -11.29
C GLN A 174 12.23 5.57 -11.05
N THR A 175 11.48 4.72 -10.35
CA THR A 175 11.67 4.17 -9.02
C THR A 175 10.78 2.98 -8.81
N VAL A 176 10.25 2.40 -9.89
CA VAL A 176 9.10 1.51 -9.67
C VAL A 176 9.30 -0.03 -9.79
N VAL A 177 8.94 -0.76 -8.76
CA VAL A 177 9.46 -2.12 -8.89
C VAL A 177 8.41 -3.21 -8.98
N ALA A 178 7.33 -2.79 -9.65
CA ALA A 178 6.12 -3.57 -9.41
C ALA A 178 4.83 -3.03 -10.00
N ILE A 179 3.93 -4.01 -10.32
CA ILE A 179 2.47 -3.70 -10.45
C ILE A 179 1.50 -4.29 -9.43
N ASP A 180 0.54 -3.50 -8.98
CA ASP A 180 -0.41 -4.08 -8.01
C ASP A 180 -1.82 -4.12 -8.58
N LEU A 181 -2.78 -4.81 -7.91
CA LEU A 181 -4.25 -4.56 -7.97
C LEU A 181 -5.01 -3.99 -6.70
N ALA A 182 -5.75 -2.87 -6.82
CA ALA A 182 -6.31 -2.32 -5.55
C ALA A 182 -7.70 -1.71 -5.60
N GLY A 183 -8.39 -1.49 -4.48
CA GLY A 183 -9.80 -1.10 -4.63
C GLY A 183 -10.75 -2.16 -4.06
N ASP A 184 -12.09 -2.06 -4.22
CA ASP A 184 -13.08 -3.02 -3.63
C ASP A 184 -13.03 -4.52 -3.97
N GLU A 185 -12.64 -5.36 -3.02
CA GLU A 185 -12.81 -6.83 -3.18
C GLU A 185 -14.24 -7.31 -3.54
N THR A 186 -15.17 -6.64 -2.92
CA THR A 186 -16.54 -6.97 -3.29
C THR A 186 -16.98 -6.88 -4.74
N ILE A 187 -16.12 -6.42 -5.68
CA ILE A 187 -16.79 -6.33 -6.98
C ILE A 187 -16.70 -7.68 -7.64
N GLU A 188 -17.85 -8.37 -7.76
CA GLU A 188 -17.85 -9.79 -8.06
C GLU A 188 -17.12 -10.06 -9.33
N GLY A 189 -16.20 -10.99 -9.26
CA GLY A 189 -15.46 -11.16 -10.53
C GLY A 189 -14.20 -10.30 -10.80
N SER A 190 -14.03 -9.16 -10.09
CA SER A 190 -12.98 -8.16 -10.49
C SER A 190 -11.63 -8.62 -10.74
N SER A 191 -11.20 -9.47 -9.82
CA SER A 191 -9.81 -9.91 -9.98
C SER A 191 -9.52 -10.79 -11.14
N LEU A 192 -10.53 -11.07 -11.94
CA LEU A 192 -10.31 -11.83 -13.19
C LEU A 192 -10.53 -11.09 -14.53
N PHE A 193 -11.26 -9.94 -14.45
CA PHE A 193 -11.63 -9.29 -15.71
C PHE A 193 -10.53 -9.19 -16.77
N PRO A 194 -10.88 -9.24 -18.05
CA PRO A 194 -9.81 -9.23 -19.04
C PRO A 194 -8.73 -8.16 -18.89
N GLY A 195 -9.12 -6.89 -18.76
CA GLY A 195 -7.99 -5.94 -18.60
C GLY A 195 -6.86 -6.23 -17.55
N HIS A 196 -7.34 -6.59 -16.30
CA HIS A 196 -6.35 -7.07 -15.30
C HIS A 196 -5.49 -8.22 -15.78
N VAL A 197 -5.97 -9.47 -15.86
CA VAL A 197 -5.08 -10.51 -16.43
C VAL A 197 -4.25 -10.12 -17.65
N GLN A 198 -4.86 -9.46 -18.62
CA GLN A 198 -3.92 -8.95 -19.63
C GLN A 198 -2.69 -8.16 -19.13
N ALA A 199 -2.95 -7.14 -18.28
CA ALA A 199 -1.83 -6.38 -17.70
C ALA A 199 -0.96 -7.09 -16.68
N TYR A 200 -1.54 -7.86 -15.77
CA TYR A 200 -0.52 -8.72 -15.15
C TYR A 200 0.35 -9.52 -16.10
N ALA A 201 -0.29 -9.97 -17.20
CA ALA A 201 0.58 -10.95 -17.90
C ALA A 201 1.53 -10.43 -18.95
N GLU A 202 1.25 -9.24 -19.48
CA GLU A 202 2.37 -8.36 -19.84
C GLU A 202 3.40 -8.10 -18.75
N ALA A 203 2.99 -7.99 -17.47
CA ALA A 203 4.04 -8.09 -16.42
C ALA A 203 4.88 -9.36 -16.37
N VAL A 204 4.28 -10.55 -16.22
CA VAL A 204 5.14 -11.76 -16.27
C VAL A 204 5.83 -12.05 -17.58
N LYS A 205 5.14 -11.73 -18.66
CA LYS A 205 5.82 -11.70 -19.98
C LYS A 205 7.01 -10.77 -20.05
N SER A 206 6.87 -9.69 -19.22
CA SER A 206 8.00 -8.74 -19.16
C SER A 206 8.70 -8.33 -17.85
N GLY A 207 8.76 -9.23 -16.85
CA GLY A 207 9.69 -9.02 -15.71
C GLY A 207 9.20 -8.42 -14.40
N VAL A 208 8.05 -7.82 -14.51
CA VAL A 208 7.73 -6.66 -13.67
C VAL A 208 7.28 -6.84 -12.21
N HIS A 209 7.56 -7.98 -11.62
CA HIS A 209 7.02 -8.11 -10.24
C HIS A 209 5.57 -7.75 -9.87
N ARG A 210 5.05 -8.67 -9.09
CA ARG A 210 3.61 -8.55 -9.04
C ARG A 210 3.13 -8.72 -7.67
N THR A 211 2.06 -7.97 -7.42
CA THR A 211 1.34 -8.23 -6.14
C THR A 211 -0.11 -7.86 -6.17
N VAL A 212 -0.91 -8.43 -5.28
CA VAL A 212 -2.38 -8.22 -5.43
C VAL A 212 -3.12 -8.15 -4.10
N HIS A 213 -3.86 -7.07 -3.86
CA HIS A 213 -4.59 -7.15 -2.59
C HIS A 213 -5.69 -8.20 -2.55
N ALA A 214 -5.33 -9.41 -2.19
CA ALA A 214 -6.36 -10.42 -2.28
C ALA A 214 -6.52 -11.09 -0.96
N GLY A 215 -7.75 -11.14 -0.55
CA GLY A 215 -7.82 -11.63 0.80
C GLY A 215 -8.65 -10.67 1.53
N GLU A 216 -8.03 -9.92 2.45
CA GLU A 216 -8.78 -8.80 3.07
C GLU A 216 -10.29 -9.00 3.28
N VAL A 217 -11.15 -8.30 2.53
CA VAL A 217 -12.55 -8.57 2.86
C VAL A 217 -13.34 -9.48 1.89
N GLY A 218 -12.63 -10.28 1.10
CA GLY A 218 -13.32 -11.25 0.24
C GLY A 218 -12.78 -12.67 0.32
N SER A 219 -13.48 -13.58 -0.34
CA SER A 219 -13.32 -15.01 -0.01
C SER A 219 -11.99 -15.62 -0.34
N ALA A 220 -11.71 -16.82 0.15
CA ALA A 220 -10.46 -17.45 -0.30
C ALA A 220 -10.31 -17.64 -1.78
N ASN A 221 -11.44 -17.54 -2.42
CA ASN A 221 -11.27 -17.74 -3.85
C ASN A 221 -10.44 -16.69 -4.50
N VAL A 222 -10.68 -15.45 -4.04
CA VAL A 222 -10.04 -14.30 -4.67
C VAL A 222 -8.51 -14.31 -4.66
N VAL A 223 -7.99 -14.86 -3.58
CA VAL A 223 -6.59 -15.30 -3.46
C VAL A 223 -6.10 -16.42 -4.33
N LYS A 224 -6.92 -17.51 -4.43
CA LYS A 224 -6.67 -18.61 -5.39
C LYS A 224 -6.62 -18.17 -6.82
N GLU A 225 -7.53 -17.27 -7.16
CA GLU A 225 -7.41 -16.60 -8.46
C GLU A 225 -6.08 -15.84 -8.60
N ALA A 226 -5.86 -14.89 -7.65
CA ALA A 226 -4.60 -14.16 -7.62
C ALA A 226 -3.28 -14.98 -7.68
N VAL A 227 -3.21 -16.11 -6.98
CA VAL A 227 -1.95 -16.84 -7.08
C VAL A 227 -1.79 -17.55 -8.38
N ASP A 228 -2.91 -18.11 -8.81
CA ASP A 228 -2.82 -19.00 -9.96
C ASP A 228 -3.10 -18.36 -11.32
N THR A 229 -4.11 -17.50 -11.41
CA THR A 229 -4.33 -16.78 -12.70
C THR A 229 -3.55 -15.50 -13.09
N LEU A 230 -3.47 -14.65 -12.06
CA LEU A 230 -2.66 -13.40 -12.09
C LEU A 230 -1.18 -13.54 -11.77
N LYS A 231 -0.83 -14.55 -10.97
CA LYS A 231 0.58 -14.92 -10.66
C LYS A 231 1.31 -14.17 -9.55
N THR A 232 0.47 -13.84 -8.58
CA THR A 232 0.96 -12.84 -7.68
C THR A 232 2.18 -13.18 -6.89
N GLU A 233 3.18 -12.29 -6.95
CA GLU A 233 4.43 -12.71 -6.33
C GLU A 233 4.49 -12.66 -4.84
N ARG A 234 3.56 -11.81 -4.38
CA ARG A 234 3.27 -11.68 -2.96
C ARG A 234 1.86 -11.16 -2.63
N LEU A 235 1.33 -11.69 -1.55
CA LEU A 235 -0.08 -11.47 -1.47
C LEU A 235 -0.43 -10.20 -0.67
N GLY A 236 -1.10 -9.27 -1.34
CA GLY A 236 -1.43 -8.07 -0.57
C GLY A 236 -2.55 -8.19 0.43
N HIS A 237 -2.28 -8.82 1.57
CA HIS A 237 -3.16 -9.04 2.74
C HIS A 237 -3.49 -10.52 3.05
N GLY A 238 -4.20 -11.18 2.12
CA GLY A 238 -4.24 -12.62 2.30
C GLY A 238 -4.83 -13.22 3.59
N TYR A 239 -5.58 -12.38 4.34
CA TYR A 239 -6.32 -12.95 5.47
C TYR A 239 -7.25 -14.11 5.24
N HIS A 240 -8.29 -13.89 4.40
CA HIS A 240 -9.16 -15.05 4.08
C HIS A 240 -8.51 -16.30 3.42
N THR A 241 -7.22 -16.28 3.20
CA THR A 241 -6.68 -17.61 2.78
C THR A 241 -6.63 -18.67 3.85
N LEU A 242 -6.80 -18.20 5.06
CA LEU A 242 -7.07 -19.27 6.01
C LEU A 242 -8.44 -19.97 5.96
N GLU A 243 -9.27 -19.66 4.96
CA GLU A 243 -10.44 -20.54 4.84
C GLU A 243 -10.16 -21.85 4.09
N ASP A 244 -9.74 -21.76 2.80
CA ASP A 244 -9.30 -22.98 2.10
C ASP A 244 -8.00 -23.56 2.55
N THR A 245 -8.14 -24.13 3.69
CA THR A 245 -7.10 -24.77 4.43
C THR A 245 -6.18 -25.77 3.80
N THR A 246 -6.29 -26.01 2.47
CA THR A 246 -5.31 -26.83 1.62
C THR A 246 -4.50 -25.95 0.61
N LEU A 247 -5.18 -24.79 0.30
CA LEU A 247 -4.61 -23.56 -0.23
C LEU A 247 -3.71 -22.91 0.75
N TYR A 248 -4.27 -22.65 1.93
CA TYR A 248 -3.31 -22.39 3.03
C TYR A 248 -2.08 -23.28 3.19
N ASN A 249 -2.19 -24.62 3.08
CA ASN A 249 -0.88 -25.31 3.19
C ASN A 249 -0.02 -25.18 1.96
N ARG A 250 -0.73 -24.84 0.91
CA ARG A 250 0.08 -24.60 -0.25
C ARG A 250 0.80 -23.25 -0.32
N LEU A 251 0.25 -22.21 0.39
CA LEU A 251 1.23 -21.10 0.37
C LEU A 251 2.31 -21.04 1.43
N ARG A 252 1.92 -21.30 2.69
CA ARG A 252 2.98 -21.74 3.59
C ARG A 252 4.13 -22.54 2.96
N GLN A 253 3.70 -23.51 2.15
CA GLN A 253 4.66 -24.26 1.37
C GLN A 253 5.32 -23.53 0.20
N GLU A 254 4.63 -22.67 -0.55
CA GLU A 254 5.38 -22.06 -1.67
C GLU A 254 6.52 -21.09 -1.29
N ASN A 255 6.33 -20.55 -0.05
CA ASN A 255 7.10 -19.52 0.67
C ASN A 255 6.98 -18.07 0.28
N MET A 256 5.83 -17.59 0.76
CA MET A 256 5.34 -16.41 0.05
C MET A 256 4.68 -15.35 0.89
N HIS A 257 4.89 -14.13 0.45
CA HIS A 257 4.64 -13.14 1.45
C HIS A 257 3.18 -12.81 1.68
N PHE A 258 2.69 -13.15 2.89
CA PHE A 258 1.57 -12.34 3.41
C PHE A 258 1.89 -10.90 3.96
N GLU A 259 1.34 -9.84 3.31
CA GLU A 259 1.41 -8.48 3.89
C GLU A 259 0.35 -8.03 4.88
N ILE A 260 0.56 -8.35 6.14
CA ILE A 260 -0.54 -7.95 7.04
C ILE A 260 -0.67 -6.50 7.33
N CYS A 261 -1.89 -6.04 7.57
CA CYS A 261 -2.07 -4.69 8.08
C CYS A 261 -2.88 -4.48 9.34
N PRO A 262 -2.30 -4.78 10.53
CA PRO A 262 -3.13 -4.94 11.73
C PRO A 262 -4.24 -3.94 11.99
N TRP A 263 -3.87 -2.78 12.48
CA TRP A 263 -4.90 -1.77 12.75
C TRP A 263 -5.85 -1.54 11.56
N SER A 264 -5.27 -1.70 10.33
CA SER A 264 -6.18 -1.75 9.15
C SER A 264 -7.20 -2.83 9.16
N SER A 265 -6.77 -4.03 9.52
CA SER A 265 -7.76 -5.10 9.60
C SER A 265 -8.96 -4.87 10.44
N TYR A 266 -8.79 -4.46 11.69
CA TYR A 266 -10.03 -4.16 12.43
C TYR A 266 -10.93 -3.13 11.72
N LEU A 267 -10.22 -2.16 11.13
CA LEU A 267 -10.98 -0.98 10.66
C LEU A 267 -11.76 -1.01 9.34
N THR A 268 -11.17 -1.66 8.33
CA THR A 268 -11.94 -1.84 7.09
C THR A 268 -13.23 -2.65 7.21
N GLY A 269 -13.07 -3.69 8.01
CA GLY A 269 -14.03 -4.78 7.89
C GLY A 269 -13.36 -6.15 7.86
N ALA A 270 -12.03 -6.23 7.63
CA ALA A 270 -11.56 -7.64 7.48
C ALA A 270 -11.48 -8.59 8.69
N TRP A 271 -12.20 -8.19 9.72
CA TRP A 271 -11.93 -8.79 11.00
C TRP A 271 -13.09 -8.79 11.95
N LYS A 272 -13.33 -9.99 12.44
CA LYS A 272 -14.13 -9.73 13.60
C LYS A 272 -13.28 -9.68 14.92
N PRO A 273 -13.54 -8.68 15.77
CA PRO A 273 -12.78 -8.64 17.01
C PRO A 273 -13.11 -9.79 17.92
N ASP A 274 -14.17 -10.52 17.60
CA ASP A 274 -14.09 -11.78 18.33
C ASP A 274 -13.31 -12.99 17.88
N THR A 275 -12.48 -12.79 16.86
CA THR A 275 -11.80 -14.05 16.50
C THR A 275 -10.39 -13.87 16.04
N GLU A 276 -9.47 -14.59 16.72
CA GLU A 276 -8.08 -14.26 16.52
C GLU A 276 -7.62 -13.96 15.09
N HIS A 277 -7.22 -12.70 14.94
CA HIS A 277 -6.67 -12.09 13.70
C HIS A 277 -5.73 -12.95 12.88
N ALA A 278 -5.80 -12.89 11.59
CA ALA A 278 -4.81 -13.79 10.99
C ALA A 278 -3.31 -13.64 11.31
N VAL A 279 -2.95 -12.37 11.46
CA VAL A 279 -1.60 -12.06 12.00
C VAL A 279 -1.05 -12.88 13.16
N ILE A 280 -1.81 -13.10 14.26
CA ILE A 280 -1.11 -14.00 15.19
C ILE A 280 -0.88 -15.41 14.67
N ARG A 281 -1.83 -15.83 13.77
CA ARG A 281 -1.64 -17.20 13.24
C ARG A 281 -0.37 -17.33 12.44
N PHE A 282 -0.23 -16.40 11.48
CA PHE A 282 1.02 -16.46 10.70
C PHE A 282 2.30 -16.53 11.53
N LYS A 283 2.16 -15.86 12.67
CA LYS A 283 3.28 -15.95 13.61
C LYS A 283 3.42 -17.31 14.21
N ASN A 284 2.30 -17.91 14.64
CA ASN A 284 2.51 -19.29 15.13
C ASN A 284 3.14 -20.19 14.08
N ASP A 285 2.46 -20.29 12.91
CA ASP A 285 2.95 -21.10 11.75
C ASP A 285 4.28 -20.70 11.17
N GLN A 286 4.82 -19.58 11.67
CA GLN A 286 6.00 -18.92 11.06
C GLN A 286 6.02 -18.66 9.52
N VAL A 287 4.84 -18.32 8.95
CA VAL A 287 4.87 -17.93 7.52
C VAL A 287 5.26 -16.49 7.26
N ASN A 288 6.17 -16.35 6.31
CA ASN A 288 6.67 -15.02 5.98
C ASN A 288 5.59 -13.94 5.84
N TYR A 289 5.42 -13.14 6.89
CA TYR A 289 4.54 -11.99 6.83
C TYR A 289 5.21 -10.63 6.96
N SER A 290 4.45 -9.53 6.80
CA SER A 290 4.99 -8.23 7.15
C SER A 290 4.08 -7.18 7.72
N LEU A 291 4.47 -6.67 8.87
CA LEU A 291 3.54 -5.75 9.49
C LEU A 291 3.69 -4.35 8.96
N ASN A 292 2.58 -3.57 9.02
CA ASN A 292 2.41 -2.69 7.88
C ASN A 292 1.32 -1.64 7.96
N THR A 293 1.42 -0.67 7.08
CA THR A 293 0.58 0.43 7.57
C THR A 293 -0.72 0.72 6.87
N ASP A 294 -0.63 0.63 5.51
CA ASP A 294 -1.75 0.74 4.58
C ASP A 294 -2.29 2.15 4.38
N ASP A 295 -2.98 2.65 5.39
CA ASP A 295 -3.34 4.06 5.25
C ASP A 295 -3.28 4.93 6.48
N PRO A 296 -2.08 5.32 6.93
CA PRO A 296 -1.91 6.35 7.97
C PRO A 296 -2.96 7.44 8.23
N LEU A 297 -3.31 8.17 7.16
CA LEU A 297 -4.36 9.19 7.32
C LEU A 297 -5.77 8.67 7.61
N ILE A 298 -6.41 7.97 6.65
CA ILE A 298 -7.77 7.39 6.83
C ILE A 298 -8.08 6.64 8.15
N PHE A 299 -7.05 6.01 8.72
CA PHE A 299 -7.17 5.36 10.03
C PHE A 299 -6.62 6.06 11.28
N LYS A 300 -6.11 7.30 11.08
CA LYS A 300 -5.48 8.00 12.19
C LYS A 300 -4.42 7.23 12.93
N SER A 301 -3.32 7.04 12.22
CA SER A 301 -2.28 6.13 12.80
C SER A 301 -0.84 6.29 12.31
N THR A 302 -0.04 5.45 12.92
CA THR A 302 1.38 5.50 12.65
C THR A 302 1.88 4.06 12.69
N LEU A 303 3.03 3.80 12.09
CA LEU A 303 3.57 2.43 12.22
C LEU A 303 3.82 1.94 13.62
N ASP A 304 3.71 2.86 14.54
CA ASP A 304 3.83 2.36 15.89
C ASP A 304 2.51 1.76 16.35
N THR A 305 1.41 2.32 15.76
CA THR A 305 0.05 1.83 16.09
C THR A 305 -0.19 0.34 15.80
N ASP A 306 0.04 -0.08 14.54
CA ASP A 306 0.12 -1.53 14.37
C ASP A 306 0.97 -2.34 15.32
N TYR A 307 2.31 -2.10 15.26
CA TYR A 307 3.24 -2.74 16.23
C TYR A 307 2.74 -2.71 17.70
N GLN A 308 1.98 -1.66 18.08
CA GLN A 308 1.48 -1.66 19.45
C GLN A 308 0.15 -2.29 19.62
N MET A 309 -0.69 -2.30 18.56
CA MET A 309 -1.90 -3.14 18.67
C MET A 309 -1.54 -4.58 18.85
N THR A 310 -0.38 -4.90 18.23
CA THR A 310 0.24 -6.22 18.27
C THR A 310 1.16 -6.70 19.40
N LYS A 311 1.94 -5.83 20.07
CA LYS A 311 2.40 -6.44 21.33
C LYS A 311 1.51 -6.37 22.53
N LYS A 312 0.58 -5.42 22.51
CA LYS A 312 -0.21 -5.49 23.75
C LYS A 312 -1.51 -6.25 23.71
N ASP A 313 -2.32 -6.06 22.68
CA ASP A 313 -3.40 -7.08 22.55
C ASP A 313 -2.90 -8.49 22.22
N MET A 314 -2.32 -8.60 21.04
CA MET A 314 -2.08 -9.96 20.61
C MET A 314 -0.69 -10.54 20.85
N GLY A 315 -0.30 -10.31 22.10
CA GLY A 315 1.09 -10.57 22.54
C GLY A 315 2.18 -10.98 21.53
N PHE A 316 3.11 -10.02 21.25
CA PHE A 316 4.23 -10.34 20.33
C PHE A 316 5.71 -10.24 20.83
N THR A 317 6.46 -11.35 21.04
CA THR A 317 7.87 -11.04 21.48
C THR A 317 8.60 -9.95 20.69
N GLU A 318 9.63 -9.41 21.27
CA GLU A 318 10.49 -8.72 20.31
C GLU A 318 11.19 -9.72 19.39
N GLU A 319 11.42 -10.89 20.03
CA GLU A 319 12.03 -11.94 19.24
C GLU A 319 11.41 -12.26 17.87
N GLU A 320 10.06 -12.11 17.80
CA GLU A 320 9.34 -12.12 16.50
C GLU A 320 9.59 -10.91 15.59
N PHE A 321 9.06 -9.73 16.03
CA PHE A 321 9.48 -8.47 15.37
C PHE A 321 10.83 -8.52 14.69
N LYS A 322 11.87 -8.84 15.45
CA LYS A 322 13.13 -9.20 14.76
C LYS A 322 13.07 -10.01 13.46
N ARG A 323 12.65 -11.28 13.64
CA ARG A 323 12.34 -12.02 12.41
C ARG A 323 11.26 -11.56 11.43
N LEU A 324 10.12 -10.97 11.81
CA LEU A 324 9.44 -10.51 10.59
C LEU A 324 10.12 -9.46 9.75
N ASN A 325 10.79 -8.49 10.46
CA ASN A 325 11.57 -7.47 9.76
C ASN A 325 12.77 -7.91 8.99
N ILE A 326 13.33 -9.04 9.44
CA ILE A 326 14.08 -9.74 8.37
C ILE A 326 13.32 -10.27 7.12
N ASN A 327 12.15 -10.95 7.34
CA ASN A 327 11.44 -11.44 6.13
C ASN A 327 11.05 -10.37 5.15
N ALA A 328 10.42 -9.34 5.69
CA ALA A 328 9.96 -8.30 4.77
C ALA A 328 11.06 -7.83 3.83
N ALA A 329 12.22 -7.70 4.46
CA ALA A 329 13.40 -7.45 3.63
C ALA A 329 13.62 -8.55 2.62
N LYS A 330 13.75 -9.79 3.11
CA LYS A 330 13.78 -10.85 2.09
C LYS A 330 12.77 -10.82 0.94
N SER A 331 11.50 -10.43 1.25
CA SER A 331 10.51 -10.38 0.14
C SER A 331 10.41 -9.14 -0.79
N SER A 332 10.89 -7.99 -0.29
CA SER A 332 11.09 -6.76 -1.09
C SER A 332 11.23 -6.83 -2.58
N PHE A 333 10.68 -5.88 -3.32
CA PHE A 333 11.01 -5.96 -4.74
C PHE A 333 12.30 -5.29 -5.25
N LEU A 334 13.48 -5.76 -4.77
CA LEU A 334 14.73 -5.00 -4.93
C LEU A 334 15.91 -5.92 -5.20
N PRO A 335 16.71 -5.67 -6.23
CA PRO A 335 17.77 -6.61 -6.64
C PRO A 335 18.67 -7.30 -5.64
N GLU A 336 19.22 -8.42 -6.02
CA GLU A 336 19.89 -9.14 -4.93
C GLU A 336 21.07 -8.45 -4.37
N ASP A 337 21.63 -7.66 -5.29
CA ASP A 337 22.40 -6.39 -5.11
C ASP A 337 21.98 -5.46 -3.94
N GLU A 338 20.99 -4.63 -4.25
CA GLU A 338 20.47 -3.81 -3.15
C GLU A 338 20.00 -4.48 -1.86
N LYS A 339 19.57 -5.75 -2.04
CA LYS A 339 19.09 -6.64 -0.95
C LYS A 339 20.07 -7.48 -0.17
N LYS A 340 21.27 -7.80 -0.76
CA LYS A 340 22.23 -8.27 0.23
C LYS A 340 22.45 -7.12 1.21
N GLU A 341 22.73 -5.97 0.60
CA GLU A 341 23.10 -4.86 1.52
C GLU A 341 22.03 -4.12 2.37
N LEU A 342 20.75 -4.19 1.99
CA LEU A 342 19.76 -3.88 3.06
C LEU A 342 19.59 -5.03 4.05
N LEU A 343 20.03 -6.21 3.62
CA LEU A 343 20.10 -7.28 4.65
C LEU A 343 21.28 -7.26 5.63
N ASP A 344 22.46 -6.94 5.11
CA ASP A 344 23.55 -6.50 5.97
C ASP A 344 23.24 -5.41 7.01
N LEU A 345 22.43 -4.38 6.59
CA LEU A 345 21.86 -3.47 7.59
C LEU A 345 21.10 -4.10 8.73
N LEU A 346 19.86 -4.53 8.51
CA LEU A 346 19.15 -4.97 9.74
C LEU A 346 19.76 -6.15 10.44
N TYR A 347 20.59 -6.82 9.62
CA TYR A 347 21.19 -8.02 10.21
C TYR A 347 22.21 -7.72 11.25
N LYS A 348 23.12 -6.80 10.89
CA LYS A 348 24.08 -6.31 11.92
C LYS A 348 23.62 -5.08 12.67
N ALA A 349 22.57 -5.35 13.48
CA ALA A 349 21.67 -4.43 14.19
C ALA A 349 20.41 -5.07 14.77
N TYR A 350 20.34 -6.42 14.69
CA TYR A 350 19.22 -7.02 15.42
C TYR A 350 19.40 -7.91 16.61
N ARG A 351 20.05 -9.07 16.64
CA ARG A 351 21.41 -9.45 16.25
C ARG A 351 22.47 -8.46 16.66
ZN ZN B . -4.11 -1.34 0.88
N1 PRH C . -7.26 -2.51 0.57
C2 PRH C . -8.24 -2.05 -0.35
N3 PRH C . -8.14 -0.86 -0.95
C4 PRH C . -7.11 -0.05 -0.40
C5 PRH C . -6.44 -0.43 0.74
C6 PRH C . -6.73 -1.61 1.52
O6 PRH C . -5.44 -2.23 1.82
N7 PRH C . -5.52 0.48 1.04
C8 PRH C . -5.71 1.42 0.07
N9 PRH C . -6.64 1.09 -0.84
C1' PRH C . -6.88 1.69 -2.18
C2' PRH C . -7.51 3.05 -2.43
O2' PRH C . -8.58 2.90 -3.47
C3' PRH C . -6.45 3.79 -3.26
O3' PRH C . -6.87 4.56 -4.43
C4' PRH C . -5.76 2.62 -3.89
O4' PRH C . -5.61 1.84 -2.75
C5' PRH C . -4.44 2.90 -4.57
O5' PRH C . -3.63 3.66 -3.54
#